data_7P7H
#
_entry.id   7P7H
#
_cell.length_a   49.029
_cell.length_b   73.377
_cell.length_c   90.608
_cell.angle_alpha   90.000
_cell.angle_beta   103.640
_cell.angle_gamma   90.000
#
_symmetry.space_group_name_H-M   'P 1 21 1'
#
loop_
_entity.id
_entity.type
_entity.pdbx_description
1 polymer 'Casein kinase I isoform delta'
2 non-polymer 'ADENOSINE MONOPHOSPHATE'
3 water water
#
_entity_poly.entity_id   1
_entity_poly.type   'polypeptide(L)'
_entity_poly.pdbx_seq_one_letter_code
;SMMELRVGNRYRLGRKIGSGSFGDIYLGTDIAAGEEVAIKLECVKTKHPQLHIESKIYKMMQGGVGIPTIRWCGAEGDYN
VMVMELLGPSLEDLFNFCSRKFSLKTVLLLADQMISRIEYIHSKNFIHRDVKPDNFLMGLGKKGNLVYIIDFGLAKKYRD
ARTHQHIPYRENKNLTGTARYASINTHLGIEQSRRDDLESLGYVLMYFNLGSLPWQGLKAATKRQKYERISEKKMSTPIE
VLCKGYPSEFATYLNFCRSLRFDDKPDYSYLRQLFRNLFHRQGFSYDYVFDWNMLK
;
_entity_poly.pdbx_strand_id   A,B
#
# COMPACT_ATOMS: atom_id res chain seq x y z
N LEU A 5 35.22 -37.89 -11.86
CA LEU A 5 34.68 -37.12 -13.04
C LEU A 5 35.56 -35.89 -13.28
N ARG A 6 35.72 -35.51 -14.55
CA ARG A 6 36.48 -34.33 -14.99
C ARG A 6 35.63 -33.50 -15.96
N VAL A 7 35.95 -32.22 -16.12
CA VAL A 7 35.32 -31.32 -17.15
C VAL A 7 36.44 -30.69 -17.99
N GLY A 8 36.49 -31.04 -19.27
CA GLY A 8 37.67 -30.85 -20.12
C GLY A 8 38.89 -31.55 -19.52
N ASN A 9 40.05 -30.90 -19.57
CA ASN A 9 41.31 -31.39 -18.95
C ASN A 9 41.59 -30.70 -17.61
N ARG A 10 41.06 -29.49 -17.40
CA ARG A 10 41.62 -28.57 -16.38
C ARG A 10 40.84 -28.70 -15.06
N TYR A 11 39.62 -29.24 -15.11
CA TYR A 11 38.68 -29.17 -13.97
C TYR A 11 38.36 -30.57 -13.49
N ARG A 12 38.22 -30.70 -12.18
CA ARG A 12 37.80 -31.91 -11.47
C ARG A 12 36.46 -31.62 -10.83
N LEU A 13 35.41 -32.27 -11.31
CA LEU A 13 34.05 -32.23 -10.72
C LEU A 13 34.09 -33.06 -9.43
N GLY A 14 33.85 -32.46 -8.29
CA GLY A 14 33.73 -33.18 -7.01
C GLY A 14 32.30 -33.58 -6.76
N ARG A 15 31.86 -33.49 -5.51
CA ARG A 15 30.50 -33.85 -5.08
C ARG A 15 29.57 -32.65 -5.28
N LYS A 16 28.29 -32.90 -5.58
CA LYS A 16 27.21 -31.88 -5.68
C LYS A 16 27.13 -31.10 -4.37
N ILE A 17 27.08 -29.76 -4.42
CA ILE A 17 26.95 -28.89 -3.20
C ILE A 17 25.62 -28.12 -3.24
N GLY A 18 24.96 -28.06 -4.39
CA GLY A 18 23.64 -27.43 -4.55
C GLY A 18 22.90 -28.02 -5.72
N SER A 19 21.60 -28.27 -5.54
CA SER A 19 20.62 -28.49 -6.63
C SER A 19 19.85 -27.18 -6.89
N GLY A 20 20.04 -26.60 -8.08
CA GLY A 20 19.13 -25.59 -8.66
C GLY A 20 18.24 -26.22 -9.71
N SER A 21 16.99 -25.78 -9.83
CA SER A 21 16.02 -26.24 -10.86
C SER A 21 16.51 -25.84 -12.26
N PHE A 22 17.43 -24.85 -12.35
CA PHE A 22 18.09 -24.39 -13.60
C PHE A 22 19.27 -25.33 -13.96
N GLY A 23 20.10 -25.64 -12.96
CA GLY A 23 21.20 -26.61 -13.06
C GLY A 23 21.61 -27.09 -11.69
N ASP A 24 22.61 -27.98 -11.61
CA ASP A 24 23.17 -28.43 -10.31
C ASP A 24 24.61 -27.92 -10.19
N ILE A 25 25.02 -27.65 -8.95
CA ILE A 25 26.31 -27.00 -8.61
C ILE A 25 27.19 -28.02 -7.90
N TYR A 26 28.38 -28.21 -8.43
CA TYR A 26 29.41 -29.13 -7.89
C TYR A 26 30.59 -28.31 -7.37
N LEU A 27 31.11 -28.68 -6.21
CA LEU A 27 32.47 -28.28 -5.76
C LEU A 27 33.48 -29.01 -6.63
N GLY A 28 34.56 -28.33 -6.96
CA GLY A 28 35.48 -28.72 -8.03
C GLY A 28 36.87 -28.20 -7.78
N THR A 29 37.81 -28.59 -8.62
CA THR A 29 39.22 -28.20 -8.52
C THR A 29 39.68 -27.72 -9.90
N ASP A 30 40.13 -26.47 -9.96
CA ASP A 30 41.02 -25.98 -11.03
C ASP A 30 42.40 -26.62 -10.79
N ILE A 31 42.69 -27.70 -11.51
CA ILE A 31 43.92 -28.54 -11.34
C ILE A 31 45.14 -27.71 -11.75
N ALA A 32 45.00 -26.93 -12.82
CA ALA A 32 46.09 -26.15 -13.46
C ALA A 32 46.47 -24.95 -12.59
N ALA A 33 45.55 -24.43 -11.75
CA ALA A 33 45.76 -23.25 -10.87
C ALA A 33 45.82 -23.66 -9.39
N GLY A 34 45.43 -24.89 -9.05
CA GLY A 34 45.39 -25.37 -7.66
C GLY A 34 44.52 -24.49 -6.78
N GLU A 35 43.26 -24.35 -7.17
CA GLU A 35 42.21 -23.62 -6.42
C GLU A 35 40.90 -24.41 -6.56
N GLU A 36 40.17 -24.54 -5.45
CA GLU A 36 38.76 -25.00 -5.38
C GLU A 36 37.83 -23.98 -6.10
N VAL A 37 36.86 -24.49 -6.86
CA VAL A 37 35.90 -23.69 -7.70
C VAL A 37 34.49 -24.24 -7.47
N ALA A 38 33.49 -23.52 -7.93
CA ALA A 38 32.09 -23.99 -8.08
C ALA A 38 31.81 -24.16 -9.58
N ILE A 39 31.15 -25.24 -9.95
CA ILE A 39 30.88 -25.61 -11.37
C ILE A 39 29.39 -25.88 -11.54
N LYS A 40 28.74 -25.09 -12.37
CA LYS A 40 27.30 -25.18 -12.67
C LYS A 40 27.14 -25.93 -13.99
N LEU A 41 26.26 -26.93 -14.01
CA LEU A 41 25.94 -27.71 -15.23
C LEU A 41 24.46 -27.50 -15.64
N GLU A 42 24.23 -27.13 -16.90
CA GLU A 42 22.88 -27.07 -17.54
C GLU A 42 22.84 -28.03 -18.73
N CYS A 43 21.87 -28.94 -18.77
CA CYS A 43 21.59 -29.83 -19.94
C CYS A 43 20.92 -29.00 -21.05
N VAL A 44 21.52 -28.96 -22.24
CA VAL A 44 20.96 -28.38 -23.51
C VAL A 44 19.95 -29.38 -24.09
N LYS A 45 18.75 -28.93 -24.49
CA LYS A 45 17.64 -29.80 -24.99
C LYS A 45 16.79 -29.06 -26.05
N THR A 46 16.55 -27.76 -25.86
CA THR A 46 15.90 -26.83 -26.83
C THR A 46 16.98 -25.99 -27.54
N LYS A 47 16.57 -24.98 -28.32
CA LYS A 47 17.45 -23.88 -28.81
C LYS A 47 17.21 -22.59 -27.99
N HIS A 48 17.02 -22.71 -26.67
CA HIS A 48 16.96 -21.59 -25.69
C HIS A 48 17.40 -22.07 -24.30
N PRO A 49 18.63 -22.61 -24.14
CA PRO A 49 19.28 -22.69 -22.83
C PRO A 49 19.65 -21.27 -22.34
N GLN A 50 19.98 -21.13 -21.05
CA GLN A 50 19.87 -19.85 -20.30
C GLN A 50 21.13 -19.57 -19.46
N LEU A 51 22.07 -20.52 -19.39
CA LEU A 51 23.34 -20.38 -18.66
C LEU A 51 24.28 -19.44 -19.42
N HIS A 52 24.25 -19.50 -20.76
CA HIS A 52 24.94 -18.57 -21.69
C HIS A 52 24.53 -17.14 -21.38
N ILE A 53 23.23 -16.90 -21.17
CA ILE A 53 22.65 -15.57 -20.82
C ILE A 53 23.19 -15.17 -19.42
N GLU A 54 23.00 -16.05 -18.42
CA GLU A 54 23.38 -15.84 -17.01
C GLU A 54 24.86 -15.45 -16.93
N SER A 55 25.71 -16.07 -17.75
CA SER A 55 27.18 -15.83 -17.74
C SER A 55 27.48 -14.46 -18.36
N LYS A 56 26.76 -14.10 -19.42
CA LYS A 56 26.89 -12.77 -20.10
C LYS A 56 26.51 -11.67 -19.11
N ILE A 57 25.56 -11.94 -18.22
CA ILE A 57 25.09 -10.96 -17.18
C ILE A 57 26.14 -10.86 -16.08
N TYR A 58 26.60 -12.01 -15.56
CA TYR A 58 27.72 -12.09 -14.57
C TYR A 58 28.87 -11.23 -15.06
N LYS A 59 29.22 -11.32 -16.34
CA LYS A 59 30.40 -10.64 -16.93
C LYS A 59 30.16 -9.12 -16.93
N MET A 60 28.93 -8.67 -17.19
CA MET A 60 28.55 -7.23 -17.17
C MET A 60 28.54 -6.71 -15.72
N MET A 61 28.49 -7.61 -14.73
CA MET A 61 28.43 -7.27 -13.28
C MET A 61 29.84 -7.20 -12.67
N GLN A 62 30.87 -7.72 -13.36
CA GLN A 62 32.20 -8.01 -12.78
C GLN A 62 32.81 -6.69 -12.28
N GLY A 63 33.67 -6.77 -11.27
CA GLY A 63 34.19 -5.59 -10.55
C GLY A 63 33.13 -5.00 -9.64
N GLY A 64 32.14 -5.79 -9.23
CA GLY A 64 31.24 -5.48 -8.11
C GLY A 64 31.66 -6.19 -6.84
N VAL A 65 31.73 -5.46 -5.74
CA VAL A 65 31.77 -6.01 -4.36
C VAL A 65 30.65 -7.05 -4.24
N GLY A 66 30.98 -8.28 -3.83
CA GLY A 66 29.97 -9.34 -3.55
C GLY A 66 29.32 -9.87 -4.83
N ILE A 67 30.02 -9.74 -5.95
CA ILE A 67 29.72 -10.47 -7.22
C ILE A 67 30.80 -11.54 -7.44
N PRO A 68 30.47 -12.86 -7.47
CA PRO A 68 31.48 -13.89 -7.69
C PRO A 68 32.12 -13.69 -9.06
N THR A 69 33.40 -14.01 -9.17
CA THR A 69 34.13 -14.09 -10.48
C THR A 69 33.60 -15.28 -11.29
N ILE A 70 33.57 -15.14 -12.62
CA ILE A 70 33.41 -16.26 -13.58
C ILE A 70 34.78 -16.58 -14.19
N ARG A 71 35.18 -17.84 -14.17
CA ARG A 71 36.52 -18.29 -14.61
C ARG A 71 36.42 -18.84 -16.04
N TRP A 72 35.42 -19.65 -16.33
CA TRP A 72 35.25 -20.31 -17.65
C TRP A 72 33.77 -20.49 -17.98
N CYS A 73 33.44 -20.32 -19.26
CA CYS A 73 32.17 -20.78 -19.89
C CYS A 73 32.50 -21.54 -21.16
N GLY A 74 31.73 -22.60 -21.42
CA GLY A 74 31.75 -23.37 -22.66
C GLY A 74 30.80 -24.54 -22.57
N ALA A 75 31.04 -25.58 -23.35
CA ALA A 75 30.18 -26.78 -23.39
C ALA A 75 31.06 -28.02 -23.43
N GLU A 76 30.63 -29.08 -22.73
CA GLU A 76 31.07 -30.48 -22.96
C GLU A 76 29.82 -31.33 -23.26
N GLY A 77 29.87 -32.12 -24.33
CA GLY A 77 28.74 -32.96 -24.78
C GLY A 77 27.44 -32.17 -24.83
N ASP A 78 26.44 -32.60 -24.06
CA ASP A 78 25.06 -32.03 -24.06
C ASP A 78 24.88 -31.17 -22.82
N TYR A 79 25.96 -30.73 -22.18
CA TYR A 79 25.91 -29.84 -21.00
C TYR A 79 26.60 -28.51 -21.32
N ASN A 80 25.94 -27.40 -20.98
CA ASN A 80 26.57 -26.09 -20.75
C ASN A 80 27.27 -26.09 -19.39
N VAL A 81 28.40 -25.42 -19.31
CA VAL A 81 29.29 -25.41 -18.11
C VAL A 81 29.62 -23.97 -17.74
N MET A 82 29.40 -23.59 -16.49
CA MET A 82 29.87 -22.29 -15.93
C MET A 82 30.76 -22.56 -14.70
N VAL A 83 32.04 -22.21 -14.80
CA VAL A 83 32.98 -22.34 -13.65
C VAL A 83 33.09 -20.97 -12.99
N MET A 84 32.81 -20.91 -11.68
CA MET A 84 32.87 -19.64 -10.93
C MET A 84 33.66 -19.82 -9.62
N GLU A 85 34.08 -18.72 -9.04
CA GLU A 85 34.64 -18.62 -7.68
C GLU A 85 33.73 -19.36 -6.72
N LEU A 86 34.34 -20.11 -5.80
CA LEU A 86 33.66 -20.85 -4.73
C LEU A 86 33.36 -19.87 -3.60
N LEU A 87 32.14 -19.91 -3.07
CA LEU A 87 31.69 -19.08 -1.93
C LEU A 87 31.26 -19.99 -0.79
N GLY A 88 30.97 -19.40 0.35
CA GLY A 88 30.61 -20.10 1.58
C GLY A 88 29.17 -20.55 1.54
N PRO A 89 28.62 -20.89 2.71
CA PRO A 89 27.22 -21.26 2.85
C PRO A 89 26.26 -20.10 2.52
N SER A 90 25.02 -20.44 2.18
CA SER A 90 23.91 -19.49 1.99
C SER A 90 23.45 -19.01 3.35
N LEU A 91 22.66 -17.92 3.37
CA LEU A 91 21.98 -17.41 4.59
C LEU A 91 20.89 -18.37 5.04
N GLU A 92 20.25 -19.11 4.13
CA GLU A 92 19.30 -20.20 4.47
C GLU A 92 20.04 -21.31 5.24
N ASP A 93 21.18 -21.78 4.75
CA ASP A 93 22.02 -22.82 5.44
C ASP A 93 22.43 -22.31 6.82
N LEU A 94 22.92 -21.06 6.90
CA LEU A 94 23.38 -20.45 8.17
C LEU A 94 22.21 -20.32 9.15
N PHE A 95 21.03 -19.95 8.64
CA PHE A 95 19.80 -19.81 9.45
C PHE A 95 19.47 -21.15 10.12
N ASN A 96 19.44 -22.20 9.31
CA ASN A 96 19.18 -23.60 9.77
C ASN A 96 20.20 -23.99 10.82
N PHE A 97 21.47 -23.65 10.58
CA PHE A 97 22.62 -23.97 11.46
C PHE A 97 22.43 -23.30 12.82
N CYS A 98 21.85 -22.09 12.81
CA CYS A 98 21.65 -21.25 14.02
C CYS A 98 20.25 -21.49 14.60
N SER A 99 19.62 -22.62 14.25
CA SER A 99 18.33 -23.09 14.80
C SER A 99 17.20 -22.16 14.35
N ARG A 100 17.32 -21.57 13.16
CA ARG A 100 16.29 -20.68 12.57
C ARG A 100 16.01 -19.52 13.55
N LYS A 101 17.08 -18.98 14.14
CA LYS A 101 17.08 -17.82 15.07
C LYS A 101 18.30 -16.96 14.75
N PHE A 102 18.11 -15.75 14.25
CA PHE A 102 19.16 -14.69 14.14
C PHE A 102 18.84 -13.57 15.14
N SER A 103 19.88 -13.03 15.78
CA SER A 103 19.79 -11.82 16.65
C SER A 103 19.44 -10.62 15.77
N LEU A 104 18.89 -9.57 16.37
CA LEU A 104 18.59 -8.29 15.66
C LEU A 104 19.89 -7.78 15.03
N LYS A 105 21.01 -7.88 15.76
CA LYS A 105 22.33 -7.39 15.28
C LYS A 105 22.70 -8.11 13.97
N THR A 106 22.56 -9.43 13.90
CA THR A 106 22.91 -10.19 12.68
C THR A 106 22.00 -9.76 11.53
N VAL A 107 20.71 -9.64 11.79
CA VAL A 107 19.69 -9.24 10.77
C VAL A 107 20.03 -7.84 10.22
N LEU A 108 20.44 -6.91 11.10
CA LEU A 108 20.73 -5.51 10.69
C LEU A 108 22.06 -5.48 9.92
N LEU A 109 23.07 -6.21 10.40
CA LEU A 109 24.37 -6.38 9.71
C LEU A 109 24.12 -6.85 8.27
N LEU A 110 23.35 -7.91 8.10
CA LEU A 110 22.98 -8.47 6.77
C LEU A 110 22.19 -7.43 5.93
N ALA A 111 21.18 -6.80 6.52
CA ALA A 111 20.29 -5.83 5.83
C ALA A 111 21.11 -4.78 5.07
N ASP A 112 22.12 -4.21 5.73
CA ASP A 112 22.94 -3.11 5.16
C ASP A 112 23.63 -3.59 3.88
N GLN A 113 24.20 -4.80 3.90
CA GLN A 113 24.95 -5.34 2.74
C GLN A 113 23.97 -5.73 1.63
N MET A 114 22.84 -6.34 1.99
CA MET A 114 21.88 -6.89 0.99
C MET A 114 21.24 -5.78 0.16
N ILE A 115 20.96 -4.59 0.76
CA ILE A 115 20.48 -3.39 0.03
C ILE A 115 21.56 -2.95 -0.95
N SER A 116 22.82 -2.92 -0.52
CA SER A 116 23.98 -2.46 -1.35
C SER A 116 24.17 -3.36 -2.59
N ARG A 117 24.07 -4.70 -2.43
CA ARG A 117 24.22 -5.64 -3.57
C ARG A 117 23.11 -5.33 -4.60
N ILE A 118 21.86 -5.35 -4.16
CA ILE A 118 20.68 -5.02 -5.01
C ILE A 118 20.92 -3.67 -5.70
N GLU A 119 21.31 -2.64 -4.94
CA GLU A 119 21.62 -1.32 -5.51
C GLU A 119 22.59 -1.49 -6.69
N TYR A 120 23.66 -2.27 -6.48
CA TYR A 120 24.77 -2.40 -7.46
C TYR A 120 24.24 -3.05 -8.73
N ILE A 121 23.43 -4.09 -8.58
CA ILE A 121 22.73 -4.78 -9.71
C ILE A 121 21.86 -3.77 -10.46
N HIS A 122 21.10 -2.93 -9.76
CA HIS A 122 20.23 -1.89 -10.38
C HIS A 122 21.11 -0.87 -11.11
N SER A 123 22.28 -0.52 -10.56
CA SER A 123 23.20 0.49 -11.15
C SER A 123 23.70 -0.03 -12.51
N LYS A 124 23.60 -1.35 -12.73
CA LYS A 124 24.05 -2.04 -13.97
C LYS A 124 22.84 -2.44 -14.81
N ASN A 125 21.68 -1.79 -14.59
CA ASN A 125 20.54 -1.74 -15.54
C ASN A 125 19.73 -3.06 -15.49
N PHE A 126 19.87 -3.86 -14.42
CA PHE A 126 19.19 -5.16 -14.28
C PHE A 126 18.41 -5.18 -12.98
N ILE A 127 17.28 -5.90 -12.97
CA ILE A 127 16.64 -6.38 -11.72
C ILE A 127 16.84 -7.89 -11.63
N HIS A 128 16.86 -8.40 -10.39
CA HIS A 128 17.26 -9.78 -10.03
C HIS A 128 16.06 -10.73 -10.17
N ARG A 129 14.97 -10.42 -9.46
CA ARG A 129 13.66 -11.11 -9.61
C ARG A 129 13.70 -12.50 -8.95
N ASP A 130 14.71 -12.79 -8.13
CA ASP A 130 14.77 -14.04 -7.35
C ASP A 130 15.52 -13.79 -6.04
N VAL A 131 15.08 -12.75 -5.30
CA VAL A 131 15.65 -12.32 -3.99
C VAL A 131 15.11 -13.25 -2.89
N LYS A 132 15.98 -14.12 -2.35
CA LYS A 132 15.62 -15.12 -1.29
C LYS A 132 16.88 -15.52 -0.54
N PRO A 133 16.77 -16.04 0.69
CA PRO A 133 17.95 -16.34 1.50
C PRO A 133 18.93 -17.29 0.78
N ASP A 134 18.38 -18.23 0.00
CA ASP A 134 19.17 -19.24 -0.76
C ASP A 134 20.17 -18.52 -1.69
N ASN A 135 19.86 -17.27 -2.13
CA ASN A 135 20.60 -16.60 -3.24
C ASN A 135 21.59 -15.59 -2.69
N PHE A 136 21.77 -15.57 -1.36
CA PHE A 136 22.84 -14.81 -0.66
C PHE A 136 23.79 -15.77 0.06
N LEU A 137 25.06 -15.65 -0.24
CA LEU A 137 26.16 -16.52 0.28
C LEU A 137 27.22 -15.63 0.92
N MET A 138 27.63 -15.92 2.15
CA MET A 138 28.89 -15.37 2.76
C MET A 138 30.12 -15.89 1.98
N GLY A 139 31.15 -15.06 1.86
CA GLY A 139 32.40 -15.45 1.20
C GLY A 139 33.18 -16.42 2.06
N LEU A 140 34.29 -16.95 1.55
CA LEU A 140 35.26 -17.77 2.33
C LEU A 140 36.51 -16.95 2.65
N GLY A 141 37.21 -17.34 3.73
CA GLY A 141 38.56 -16.85 4.10
C GLY A 141 38.51 -15.38 4.47
N LYS A 142 39.27 -14.56 3.74
CA LYS A 142 39.37 -13.08 3.97
C LYS A 142 38.03 -12.42 3.61
N LYS A 143 37.19 -13.09 2.82
CA LYS A 143 35.86 -12.57 2.37
C LYS A 143 34.74 -13.18 3.22
N GLY A 144 35.09 -13.77 4.38
CA GLY A 144 34.14 -14.42 5.32
C GLY A 144 33.07 -13.47 5.86
N ASN A 145 33.32 -12.15 5.77
CA ASN A 145 32.45 -11.10 6.35
C ASN A 145 31.61 -10.43 5.25
N LEU A 146 31.79 -10.86 4.00
CA LEU A 146 31.24 -10.22 2.77
C LEU A 146 30.01 -11.00 2.27
N VAL A 147 28.83 -10.35 2.17
CA VAL A 147 27.58 -10.99 1.62
C VAL A 147 27.59 -10.85 0.11
N TYR A 148 27.47 -11.98 -0.58
CA TYR A 148 27.47 -12.10 -2.06
C TYR A 148 26.05 -12.38 -2.54
N ILE A 149 25.75 -11.94 -3.75
CA ILE A 149 24.49 -12.30 -4.46
C ILE A 149 24.85 -13.18 -5.66
N ILE A 150 24.06 -14.22 -5.90
CA ILE A 150 24.25 -15.21 -6.99
C ILE A 150 22.93 -15.39 -7.73
N ASP A 151 22.98 -16.19 -8.80
CA ASP A 151 21.82 -16.72 -9.56
C ASP A 151 21.17 -15.57 -10.30
N PHE A 152 21.67 -15.26 -11.50
CA PHE A 152 21.11 -14.25 -12.44
C PHE A 152 20.26 -14.97 -13.48
N GLY A 153 19.68 -16.11 -13.09
CA GLY A 153 18.87 -16.97 -13.96
C GLY A 153 17.64 -16.24 -14.47
N LEU A 154 17.04 -15.38 -13.63
CA LEU A 154 15.72 -14.74 -13.88
C LEU A 154 15.87 -13.21 -14.05
N ALA A 155 17.10 -12.70 -14.09
CA ALA A 155 17.43 -11.26 -14.16
C ALA A 155 17.05 -10.71 -15.54
N LYS A 156 16.70 -9.42 -15.62
CA LYS A 156 16.38 -8.76 -16.92
C LYS A 156 16.64 -7.24 -16.85
N LYS A 157 16.93 -6.63 -18.01
CA LYS A 157 17.06 -5.17 -18.20
C LYS A 157 15.73 -4.49 -17.84
N TYR A 158 15.77 -3.51 -16.93
CA TYR A 158 14.60 -2.68 -16.54
C TYR A 158 14.72 -1.29 -17.15
N ARG A 159 15.92 -0.93 -17.64
CA ARG A 159 16.13 0.36 -18.35
C ARG A 159 17.16 0.15 -19.46
N ASP A 160 17.07 0.95 -20.53
CA ASP A 160 18.03 0.96 -21.65
C ASP A 160 19.41 1.31 -21.09
N ALA A 161 20.43 0.54 -21.51
CA ALA A 161 21.87 0.73 -21.21
C ALA A 161 22.29 2.15 -21.61
N ARG A 162 21.78 2.60 -22.77
CA ARG A 162 22.17 3.85 -23.49
C ARG A 162 21.45 5.05 -22.86
N THR A 163 20.11 5.02 -22.86
CA THR A 163 19.22 6.20 -22.62
C THR A 163 18.84 6.29 -21.13
N HIS A 164 18.79 5.14 -20.43
CA HIS A 164 18.21 4.97 -19.05
C HIS A 164 16.67 5.07 -19.10
N GLN A 165 16.07 4.95 -20.29
CA GLN A 165 14.60 4.89 -20.49
C GLN A 165 14.07 3.60 -19.84
N HIS A 166 13.28 3.73 -18.77
CA HIS A 166 12.63 2.59 -18.05
C HIS A 166 11.81 1.77 -19.04
N ILE A 167 11.67 0.46 -18.78
CA ILE A 167 10.72 -0.43 -19.51
C ILE A 167 9.31 0.06 -19.21
N PRO A 168 8.35 -0.10 -20.16
CA PRO A 168 6.97 0.34 -19.94
C PRO A 168 6.24 -0.54 -18.92
N TYR A 169 5.22 0.02 -18.28
CA TYR A 169 4.29 -0.69 -17.35
C TYR A 169 3.47 -1.72 -18.14
N ARG A 170 3.55 -3.01 -17.77
CA ARG A 170 2.80 -4.11 -18.42
C ARG A 170 2.26 -5.07 -17.35
N GLU A 171 1.24 -5.86 -17.72
CA GLU A 171 0.42 -6.69 -16.80
C GLU A 171 0.38 -8.14 -17.32
N ASN A 172 -0.28 -9.04 -16.56
CA ASN A 172 -0.58 -10.46 -16.92
C ASN A 172 0.73 -11.24 -17.13
N LYS A 173 1.72 -11.06 -16.23
CA LYS A 173 3.09 -11.65 -16.39
C LYS A 173 3.12 -13.11 -15.96
N ASN A 174 4.15 -13.82 -16.43
CA ASN A 174 4.50 -15.21 -16.06
C ASN A 174 5.11 -15.20 -14.65
N LEU A 175 4.47 -15.85 -13.69
CA LEU A 175 4.88 -15.85 -12.26
C LEU A 175 5.98 -16.92 -12.07
N THR A 176 7.25 -16.50 -12.08
CA THR A 176 8.41 -17.34 -12.49
C THR A 176 9.44 -17.46 -11.34
N GLY A 177 9.41 -16.56 -10.35
CA GLY A 177 10.30 -16.58 -9.18
C GLY A 177 9.74 -17.43 -8.04
N THR A 178 10.23 -17.18 -6.81
CA THR A 178 9.81 -17.86 -5.54
C THR A 178 8.70 -17.06 -4.87
N ALA A 179 7.58 -17.70 -4.53
CA ALA A 179 6.30 -17.07 -4.09
C ALA A 179 6.40 -16.53 -2.65
N ARG A 180 7.22 -17.15 -1.80
CA ARG A 180 7.27 -16.77 -0.36
C ARG A 180 7.63 -15.28 -0.22
N TYR A 181 8.43 -14.75 -1.13
CA TYR A 181 9.14 -13.46 -1.01
C TYR A 181 8.71 -12.51 -2.14
N ALA A 182 7.84 -12.96 -3.04
CA ALA A 182 7.38 -12.17 -4.21
C ALA A 182 6.68 -10.89 -3.72
N SER A 183 6.87 -9.78 -4.43
CA SER A 183 6.19 -8.50 -4.16
C SER A 183 4.70 -8.70 -4.40
N ILE A 184 3.87 -7.93 -3.72
CA ILE A 184 2.40 -7.88 -4.00
C ILE A 184 2.17 -7.57 -5.50
N ASN A 185 2.99 -6.72 -6.12
CA ASN A 185 2.88 -6.39 -7.58
C ASN A 185 3.03 -7.66 -8.43
N THR A 186 4.03 -8.47 -8.14
CA THR A 186 4.33 -9.74 -8.86
C THR A 186 3.08 -10.65 -8.80
N HIS A 187 2.45 -10.74 -7.63
CA HIS A 187 1.23 -11.55 -7.39
C HIS A 187 0.09 -11.11 -8.35
N LEU A 188 -0.05 -9.80 -8.64
CA LEU A 188 -1.12 -9.26 -9.54
C LEU A 188 -0.69 -9.36 -11.00
N GLY A 189 0.43 -10.01 -11.28
CA GLY A 189 0.95 -10.20 -12.65
C GLY A 189 1.46 -8.91 -13.27
N ILE A 190 1.89 -7.94 -12.45
CA ILE A 190 2.51 -6.67 -12.94
C ILE A 190 4.02 -6.90 -13.13
N GLU A 191 4.52 -6.49 -14.30
CA GLU A 191 5.96 -6.37 -14.64
C GLU A 191 6.78 -5.88 -13.44
N GLN A 192 7.93 -6.49 -13.20
CA GLN A 192 8.79 -6.19 -12.05
C GLN A 192 9.71 -5.01 -12.39
N SER A 193 10.00 -4.18 -11.39
CA SER A 193 10.97 -3.05 -11.45
C SER A 193 11.81 -3.05 -10.18
N ARG A 194 12.53 -1.97 -9.89
CA ARG A 194 13.52 -1.89 -8.78
C ARG A 194 12.80 -2.04 -7.45
N ARG A 195 11.57 -1.56 -7.34
CA ARG A 195 10.78 -1.57 -6.09
C ARG A 195 10.48 -3.02 -5.64
N ASP A 196 10.35 -3.94 -6.60
CA ASP A 196 9.94 -5.34 -6.32
C ASP A 196 11.11 -6.10 -5.65
N ASP A 197 12.33 -5.92 -6.14
CA ASP A 197 13.56 -6.49 -5.52
C ASP A 197 13.62 -6.06 -4.05
N LEU A 198 13.36 -4.78 -3.77
CA LEU A 198 13.63 -4.20 -2.42
C LEU A 198 12.54 -4.65 -1.46
N GLU A 199 11.30 -4.72 -1.93
CA GLU A 199 10.18 -5.29 -1.14
C GLU A 199 10.47 -6.76 -0.78
N SER A 200 10.87 -7.57 -1.75
CA SER A 200 11.23 -9.00 -1.53
C SER A 200 12.27 -9.11 -0.40
N LEU A 201 13.27 -8.24 -0.40
CA LEU A 201 14.31 -8.18 0.68
C LEU A 201 13.64 -7.89 2.03
N GLY A 202 12.65 -7.00 2.02
CA GLY A 202 11.82 -6.73 3.20
C GLY A 202 11.25 -8.01 3.81
N TYR A 203 10.68 -8.90 2.98
CA TYR A 203 10.04 -10.15 3.46
C TYR A 203 11.13 -11.11 3.91
N VAL A 204 12.28 -11.09 3.26
CA VAL A 204 13.48 -11.90 3.67
C VAL A 204 13.93 -11.50 5.07
N LEU A 205 13.92 -10.20 5.36
CA LEU A 205 14.35 -9.65 6.67
C LEU A 205 13.36 -10.08 7.75
N MET A 206 12.07 -9.92 7.51
CA MET A 206 11.03 -10.30 8.50
C MET A 206 11.00 -11.84 8.65
N TYR A 207 11.34 -12.59 7.60
CA TYR A 207 11.54 -14.05 7.66
C TYR A 207 12.60 -14.40 8.73
N PHE A 208 13.76 -13.74 8.68
CA PHE A 208 14.89 -13.96 9.65
C PHE A 208 14.44 -13.60 11.08
N ASN A 209 13.65 -12.51 11.23
CA ASN A 209 13.20 -12.02 12.56
C ASN A 209 12.26 -13.06 13.16
N LEU A 210 11.27 -13.52 12.39
CA LEU A 210 10.16 -14.35 12.89
C LEU A 210 10.62 -15.82 12.96
N GLY A 211 11.39 -16.27 11.97
CA GLY A 211 11.77 -17.68 11.78
C GLY A 211 11.00 -18.29 10.64
N SER A 212 9.90 -17.65 10.28
CA SER A 212 8.96 -18.01 9.20
C SER A 212 8.00 -16.85 8.95
N LEU A 213 7.38 -16.83 7.78
CA LEU A 213 6.34 -15.85 7.39
C LEU A 213 4.97 -16.51 7.55
N PRO A 214 3.93 -15.75 7.96
CA PRO A 214 2.66 -16.36 8.34
C PRO A 214 1.88 -16.91 7.14
N TRP A 215 2.47 -16.81 5.94
CA TRP A 215 1.93 -17.39 4.68
C TRP A 215 2.79 -18.58 4.19
N GLN A 216 3.55 -19.22 5.06
CA GLN A 216 4.46 -20.34 4.68
C GLN A 216 3.76 -21.70 4.73
N GLY A 217 4.26 -22.65 3.93
CA GLY A 217 4.05 -24.11 4.07
C GLY A 217 2.76 -24.56 3.43
N LEU A 218 2.25 -23.84 2.44
CA LEU A 218 0.91 -24.10 1.84
C LEU A 218 1.07 -24.96 0.58
N LYS A 219 0.58 -26.21 0.62
CA LYS A 219 0.78 -27.24 -0.45
C LYS A 219 0.11 -26.80 -1.77
N ALA A 220 0.77 -27.03 -2.91
CA ALA A 220 0.26 -26.76 -4.28
C ALA A 220 0.99 -27.63 -5.32
N ALA A 221 0.25 -28.21 -6.25
CA ALA A 221 0.79 -29.05 -7.34
C ALA A 221 1.48 -28.16 -8.39
N THR A 222 1.13 -26.87 -8.45
CA THR A 222 1.54 -25.93 -9.53
C THR A 222 2.16 -24.67 -8.94
N LYS A 223 3.00 -24.00 -9.71
CA LYS A 223 3.69 -22.71 -9.37
C LYS A 223 2.65 -21.60 -9.29
N ARG A 224 1.73 -21.56 -10.26
CA ARG A 224 0.58 -20.60 -10.33
C ARG A 224 -0.25 -20.72 -9.05
N GLN A 225 -0.47 -21.93 -8.54
CA GLN A 225 -1.35 -22.20 -7.37
C GLN A 225 -0.61 -21.75 -6.10
N LYS A 226 0.71 -21.94 -6.06
CA LYS A 226 1.58 -21.57 -4.92
C LYS A 226 1.44 -20.06 -4.66
N TYR A 227 1.66 -19.25 -5.70
CA TYR A 227 1.50 -17.77 -5.68
C TYR A 227 0.08 -17.41 -5.21
N GLU A 228 -0.98 -18.07 -5.75
CA GLU A 228 -2.40 -17.66 -5.51
C GLU A 228 -2.75 -17.96 -4.05
N ARG A 229 -2.29 -19.09 -3.50
CA ARG A 229 -2.57 -19.50 -2.09
C ARG A 229 -1.92 -18.49 -1.15
N ILE A 230 -0.70 -18.06 -1.47
CA ILE A 230 0.14 -17.16 -0.64
C ILE A 230 -0.41 -15.74 -0.74
N SER A 231 -0.75 -15.32 -1.96
CA SER A 231 -1.39 -14.00 -2.28
C SER A 231 -2.52 -13.66 -1.32
N GLU A 232 -3.43 -14.59 -1.04
CA GLU A 232 -4.63 -14.35 -0.19
C GLU A 232 -4.18 -13.90 1.22
N LYS A 233 -3.35 -14.71 1.88
CA LYS A 233 -2.82 -14.43 3.24
C LYS A 233 -1.99 -13.14 3.23
N LYS A 234 -1.13 -12.95 2.22
CA LYS A 234 -0.16 -11.82 2.12
C LYS A 234 -0.94 -10.49 2.00
N MET A 235 -1.91 -10.42 1.10
CA MET A 235 -2.64 -9.16 0.78
C MET A 235 -3.61 -8.82 1.92
N SER A 236 -3.94 -9.79 2.77
CA SER A 236 -4.86 -9.61 3.93
C SER A 236 -4.06 -9.31 5.22
N THR A 237 -2.72 -9.35 5.17
CA THR A 237 -1.84 -9.06 6.31
C THR A 237 -1.25 -7.67 6.15
N PRO A 238 -1.67 -6.69 6.97
CA PRO A 238 -1.05 -5.36 6.96
C PRO A 238 0.43 -5.44 7.35
N ILE A 239 1.28 -4.66 6.66
CA ILE A 239 2.71 -4.39 6.99
C ILE A 239 2.87 -4.26 8.50
N GLU A 240 1.90 -3.63 9.13
CA GLU A 240 1.93 -3.15 10.53
C GLU A 240 1.68 -4.33 11.47
N VAL A 241 0.94 -5.34 11.01
CA VAL A 241 0.63 -6.58 11.77
C VAL A 241 1.79 -7.58 11.59
N LEU A 242 2.23 -7.79 10.35
CA LEU A 242 3.43 -8.60 10.01
C LEU A 242 4.59 -8.26 10.98
N CYS A 243 4.92 -6.97 11.13
CA CYS A 243 6.17 -6.50 11.79
C CYS A 243 5.95 -6.23 13.27
N LYS A 244 4.74 -6.40 13.75
CA LYS A 244 4.37 -6.07 15.15
C LYS A 244 5.30 -6.81 16.13
N GLY A 245 5.72 -6.14 17.20
CA GLY A 245 6.65 -6.68 18.20
C GLY A 245 8.10 -6.56 17.76
N TYR A 246 8.37 -5.97 16.59
CA TYR A 246 9.74 -5.72 16.06
C TYR A 246 9.94 -4.22 15.79
N PRO A 247 11.21 -3.76 15.68
CA PRO A 247 11.46 -2.34 15.47
C PRO A 247 10.65 -1.81 14.29
N SER A 248 10.11 -0.59 14.45
CA SER A 248 9.25 0.11 13.47
C SER A 248 9.93 0.13 12.11
N GLU A 249 11.26 0.15 12.11
CA GLU A 249 12.09 0.34 10.89
C GLU A 249 11.78 -0.74 9.85
N PHE A 250 11.35 -1.93 10.28
CA PHE A 250 11.00 -3.07 9.37
C PHE A 250 9.68 -2.77 8.67
N ALA A 251 8.72 -2.18 9.40
CA ALA A 251 7.46 -1.61 8.87
C ALA A 251 7.79 -0.49 7.88
N THR A 252 8.52 0.53 8.34
CA THR A 252 8.84 1.74 7.55
C THR A 252 9.45 1.30 6.23
N TYR A 253 10.33 0.29 6.27
CA TYR A 253 11.09 -0.20 5.11
C TYR A 253 10.09 -0.73 4.07
N LEU A 254 9.31 -1.73 4.42
CA LEU A 254 8.31 -2.38 3.52
C LEU A 254 7.31 -1.33 2.98
N ASN A 255 6.87 -0.41 3.84
CA ASN A 255 5.96 0.71 3.49
C ASN A 255 6.60 1.60 2.43
N PHE A 256 7.84 2.02 2.62
CA PHE A 256 8.57 2.86 1.66
C PHE A 256 8.58 2.15 0.32
N CYS A 257 8.94 0.88 0.31
CA CYS A 257 9.14 0.07 -0.92
C CYS A 257 7.83 -0.06 -1.69
N ARG A 258 6.70 -0.24 -0.97
CA ARG A 258 5.36 -0.41 -1.57
C ARG A 258 4.88 0.93 -2.15
N SER A 259 5.39 2.06 -1.64
CA SER A 259 4.95 3.44 -2.02
C SER A 259 5.69 3.90 -3.28
N LEU A 260 6.71 3.17 -3.72
CA LEU A 260 7.53 3.59 -4.88
C LEU A 260 6.67 3.46 -6.14
N ARG A 261 6.79 4.41 -7.06
CA ARG A 261 6.20 4.30 -8.43
C ARG A 261 6.92 3.18 -9.19
N PHE A 262 6.24 2.59 -10.17
CA PHE A 262 6.80 1.59 -11.11
C PHE A 262 8.24 1.98 -11.46
N ASP A 263 8.43 3.22 -11.90
CA ASP A 263 9.67 3.68 -12.59
C ASP A 263 10.43 4.70 -11.72
N ASP A 264 10.17 4.69 -10.40
CA ASP A 264 10.95 5.48 -9.41
C ASP A 264 12.31 4.81 -9.09
N LYS A 265 13.38 5.62 -9.04
CA LYS A 265 14.69 5.27 -8.44
C LYS A 265 14.56 5.28 -6.93
N PRO A 266 14.80 4.14 -6.24
CA PRO A 266 14.70 4.08 -4.79
C PRO A 266 15.72 5.02 -4.14
N ASP A 267 15.49 5.41 -2.87
CA ASP A 267 16.48 6.09 -2.02
C ASP A 267 17.18 5.05 -1.17
N TYR A 268 18.16 4.37 -1.76
CA TYR A 268 18.85 3.20 -1.19
C TYR A 268 19.54 3.63 0.10
N SER A 269 20.07 4.87 0.10
CA SER A 269 20.74 5.55 1.24
C SER A 269 19.79 5.68 2.43
N TYR A 270 18.60 6.20 2.22
CA TYR A 270 17.58 6.38 3.27
C TYR A 270 17.32 5.04 3.96
N LEU A 271 17.06 4.00 3.17
CA LEU A 271 16.69 2.66 3.67
C LEU A 271 17.86 2.10 4.50
N ARG A 272 19.07 2.22 3.99
CA ARG A 272 20.30 1.87 4.73
C ARG A 272 20.34 2.68 6.04
N GLN A 273 20.03 3.98 5.97
CA GLN A 273 20.19 4.90 7.10
C GLN A 273 19.24 4.46 8.22
N LEU A 274 18.02 4.09 7.87
CA LEU A 274 16.98 3.61 8.81
C LEU A 274 17.57 2.50 9.71
N PHE A 275 18.10 1.45 9.10
CA PHE A 275 18.65 0.29 9.84
C PHE A 275 19.92 0.66 10.64
N ARG A 276 20.79 1.52 10.10
CA ARG A 276 22.00 2.05 10.81
C ARG A 276 21.59 2.80 12.11
N ASN A 277 20.59 3.67 12.04
CA ASN A 277 20.18 4.49 13.21
C ASN A 277 19.65 3.56 14.30
N LEU A 278 18.79 2.61 13.94
CA LEU A 278 18.28 1.55 14.85
C LEU A 278 19.48 0.78 15.45
N PHE A 279 20.46 0.49 14.62
CA PHE A 279 21.65 -0.33 14.96
C PHE A 279 22.41 0.39 16.09
N HIS A 280 22.59 1.70 15.95
CA HIS A 280 23.40 2.51 16.88
C HIS A 280 22.60 2.75 18.15
N ARG A 281 21.27 2.93 18.04
CA ARG A 281 20.39 3.24 19.20
C ARG A 281 20.33 2.00 20.10
N GLN A 282 20.38 0.81 19.50
CA GLN A 282 20.41 -0.48 20.23
C GLN A 282 21.76 -0.63 20.93
N GLY A 283 22.82 0.03 20.45
CA GLY A 283 24.16 0.00 21.07
C GLY A 283 25.06 -1.05 20.44
N PHE A 284 24.80 -1.45 19.21
CA PHE A 284 25.57 -2.49 18.49
C PHE A 284 26.77 -1.81 17.85
N SER A 285 27.85 -2.54 17.62
CA SER A 285 29.04 -2.06 16.88
C SER A 285 29.14 -2.84 15.57
N TYR A 286 29.55 -2.15 14.49
CA TYR A 286 29.89 -2.76 13.18
C TYR A 286 31.28 -3.40 13.25
N ASP A 287 31.35 -4.59 13.87
CA ASP A 287 32.57 -5.42 14.06
C ASP A 287 32.53 -6.61 13.09
N TYR A 288 31.44 -6.75 12.33
CA TYR A 288 31.16 -7.87 11.38
C TYR A 288 31.25 -9.24 12.09
N VAL A 289 30.85 -9.31 13.38
CA VAL A 289 30.63 -10.57 14.14
C VAL A 289 29.14 -10.95 14.06
N PHE A 290 28.77 -11.82 13.11
CA PHE A 290 27.44 -12.49 12.99
C PHE A 290 27.31 -13.60 14.03
N ASP A 291 26.08 -14.04 14.32
CA ASP A 291 25.79 -15.06 15.38
C ASP A 291 26.73 -16.26 15.22
N TRP A 292 26.97 -16.70 13.96
CA TRP A 292 27.68 -17.97 13.63
C TRP A 292 29.21 -17.82 13.85
N ASN A 293 29.75 -16.60 13.93
CA ASN A 293 31.20 -16.34 14.18
C ASN A 293 31.51 -16.62 15.66
N MET A 294 30.46 -16.72 16.49
CA MET A 294 30.56 -16.94 17.96
C MET A 294 30.54 -18.43 18.26
N LEU A 295 30.32 -19.29 17.27
CA LEU A 295 30.36 -20.76 17.44
C LEU A 295 31.79 -21.19 17.83
N LYS A 296 31.95 -21.83 18.98
CA LYS A 296 33.27 -22.10 19.63
C LYS A 296 33.82 -23.46 19.15
N LEU B 5 -48.19 21.48 11.03
CA LEU B 5 -48.18 21.36 12.51
C LEU B 5 -47.12 22.29 13.10
N ARG B 6 -47.37 22.80 14.32
CA ARG B 6 -46.36 23.47 15.18
C ARG B 6 -45.30 22.43 15.57
N VAL B 7 -44.06 22.88 15.73
CA VAL B 7 -42.97 22.11 16.39
C VAL B 7 -42.37 23.02 17.46
N GLY B 8 -42.31 22.55 18.71
CA GLY B 8 -42.08 23.40 19.89
C GLY B 8 -43.00 24.61 19.86
N ASN B 9 -42.41 25.81 19.77
CA ASN B 9 -43.16 27.09 19.75
C ASN B 9 -43.22 27.63 18.33
N ARG B 10 -42.06 27.80 17.72
CA ARG B 10 -41.84 28.82 16.69
C ARG B 10 -41.59 28.18 15.34
N TYR B 11 -41.81 26.87 15.19
CA TYR B 11 -41.43 26.14 13.95
C TYR B 11 -42.67 25.62 13.22
N ARG B 12 -42.63 25.73 11.90
CA ARG B 12 -43.69 25.28 10.97
C ARG B 12 -43.13 24.16 10.12
N LEU B 13 -43.65 22.95 10.28
CA LEU B 13 -43.25 21.75 9.50
C LEU B 13 -43.89 21.84 8.11
N GLY B 14 -43.09 21.77 7.06
CA GLY B 14 -43.53 21.47 5.68
C GLY B 14 -43.36 19.99 5.32
N ARG B 15 -43.17 19.70 4.03
CA ARG B 15 -43.22 18.32 3.48
C ARG B 15 -41.81 17.71 3.53
N LYS B 16 -41.74 16.38 3.58
CA LYS B 16 -40.49 15.56 3.64
C LYS B 16 -39.62 15.87 2.42
N ILE B 17 -38.32 16.16 2.62
CA ILE B 17 -37.33 16.47 1.53
C ILE B 17 -36.20 15.45 1.53
N GLY B 18 -36.13 14.56 2.52
CA GLY B 18 -35.10 13.50 2.56
C GLY B 18 -35.37 12.46 3.64
N SER B 19 -34.81 11.24 3.45
CA SER B 19 -34.82 10.09 4.41
C SER B 19 -33.39 9.71 4.79
N GLY B 20 -33.12 9.61 6.08
CA GLY B 20 -31.89 9.00 6.64
C GLY B 20 -32.10 7.54 7.00
N SER B 21 -31.07 6.91 7.54
CA SER B 21 -31.09 5.49 7.98
C SER B 21 -32.06 5.31 9.15
N PHE B 22 -32.38 6.40 9.89
CA PHE B 22 -33.10 6.33 11.19
C PHE B 22 -34.10 7.47 11.41
N GLY B 23 -34.15 8.47 10.53
CA GLY B 23 -35.16 9.54 10.60
C GLY B 23 -35.40 10.15 9.23
N ASP B 24 -36.38 11.05 9.13
CA ASP B 24 -36.69 11.78 7.87
C ASP B 24 -36.44 13.27 8.08
N ILE B 25 -36.14 13.99 6.99
CA ILE B 25 -35.86 15.46 6.96
C ILE B 25 -37.00 16.19 6.24
N TYR B 26 -37.51 17.26 6.86
CA TYR B 26 -38.65 18.10 6.38
C TYR B 26 -38.18 19.54 6.20
N LEU B 27 -38.63 20.21 5.15
CA LEU B 27 -38.56 21.69 5.00
C LEU B 27 -39.47 22.34 6.06
N GLY B 28 -39.09 23.52 6.55
CA GLY B 28 -39.78 24.19 7.66
C GLY B 28 -39.41 25.66 7.78
N THR B 29 -40.06 26.37 8.70
CA THR B 29 -39.93 27.83 8.85
C THR B 29 -39.77 28.14 10.33
N ASP B 30 -38.65 28.76 10.68
CA ASP B 30 -38.49 29.58 11.91
C ASP B 30 -39.38 30.82 11.75
N ILE B 31 -40.59 30.77 12.31
CA ILE B 31 -41.64 31.83 12.23
C ILE B 31 -41.15 33.10 12.94
N ALA B 32 -40.48 32.96 14.08
CA ALA B 32 -40.01 34.06 14.95
C ALA B 32 -38.87 34.85 14.31
N ALA B 33 -38.09 34.21 13.42
CA ALA B 33 -36.89 34.80 12.77
C ALA B 33 -37.12 34.99 11.27
N GLY B 34 -38.21 34.44 10.71
CA GLY B 34 -38.49 34.50 9.26
C GLY B 34 -37.36 33.91 8.43
N GLU B 35 -37.03 32.65 8.67
CA GLU B 35 -35.96 31.91 7.94
C GLU B 35 -36.43 30.48 7.72
N GLU B 36 -36.22 29.97 6.49
CA GLU B 36 -36.41 28.54 6.12
C GLU B 36 -35.31 27.70 6.81
N VAL B 37 -35.70 26.54 7.33
CA VAL B 37 -34.83 25.60 8.09
C VAL B 37 -35.08 24.18 7.56
N ALA B 38 -34.21 23.23 7.95
CA ALA B 38 -34.43 21.78 7.81
C ALA B 38 -34.72 21.20 9.20
N ILE B 39 -35.66 20.28 9.28
CA ILE B 39 -36.10 19.65 10.56
C ILE B 39 -35.98 18.14 10.44
N LYS B 40 -35.15 17.53 11.28
CA LYS B 40 -35.02 16.05 11.37
C LYS B 40 -35.94 15.54 12.47
N LEU B 41 -36.77 14.53 12.13
CA LEU B 41 -37.68 13.86 13.08
C LEU B 41 -37.28 12.38 13.19
N GLU B 42 -37.13 11.90 14.42
CA GLU B 42 -37.01 10.47 14.79
C GLU B 42 -38.12 10.14 15.78
N CYS B 43 -38.86 9.06 15.51
CA CYS B 43 -39.92 8.54 16.41
C CYS B 43 -39.29 7.92 17.66
N VAL B 44 -39.75 8.35 18.85
CA VAL B 44 -39.23 7.92 20.19
C VAL B 44 -39.49 6.41 20.39
N LYS B 45 -40.29 5.79 19.53
CA LYS B 45 -40.72 4.37 19.70
C LYS B 45 -39.77 3.42 18.94
N THR B 46 -38.79 3.96 18.19
CA THR B 46 -37.70 3.19 17.53
C THR B 46 -36.95 2.32 18.55
N LYS B 47 -36.31 1.27 18.08
CA LYS B 47 -35.65 0.21 18.91
C LYS B 47 -34.62 0.89 19.83
N HIS B 48 -33.56 1.46 19.24
CA HIS B 48 -32.50 2.26 19.92
C HIS B 48 -32.38 3.62 19.24
N PRO B 49 -32.92 4.69 19.87
CA PRO B 49 -32.85 6.03 19.29
C PRO B 49 -31.41 6.57 19.29
N GLN B 50 -31.09 7.43 18.32
CA GLN B 50 -29.70 7.80 17.93
C GLN B 50 -29.59 9.31 17.72
N LEU B 51 -30.71 10.03 17.67
CA LEU B 51 -30.75 11.45 17.21
C LEU B 51 -30.08 12.33 18.25
N HIS B 52 -30.27 12.02 19.55
CA HIS B 52 -29.71 12.83 20.65
C HIS B 52 -28.19 12.80 20.57
N ILE B 53 -27.64 11.62 20.26
CA ILE B 53 -26.19 11.37 20.04
C ILE B 53 -25.73 12.19 18.83
N GLU B 54 -26.36 12.03 17.68
CA GLU B 54 -25.97 12.71 16.41
C GLU B 54 -26.02 14.23 16.61
N SER B 55 -27.00 14.74 17.36
CA SER B 55 -27.14 16.19 17.68
C SER B 55 -26.07 16.61 18.67
N LYS B 56 -25.75 15.76 19.64
CA LYS B 56 -24.64 15.95 20.62
C LYS B 56 -23.31 16.13 19.88
N ILE B 57 -23.12 15.40 18.78
CA ILE B 57 -21.87 15.43 17.95
C ILE B 57 -21.86 16.71 17.11
N TYR B 58 -22.96 16.99 16.43
CA TYR B 58 -23.19 18.26 15.68
C TYR B 58 -22.79 19.44 16.56
N LYS B 59 -23.23 19.43 17.82
CA LYS B 59 -23.04 20.57 18.78
C LYS B 59 -21.55 20.70 19.12
N MET B 60 -20.83 19.57 19.25
CA MET B 60 -19.37 19.56 19.54
C MET B 60 -18.59 20.02 18.30
N MET B 61 -19.22 20.02 17.12
CA MET B 61 -18.60 20.44 15.83
C MET B 61 -18.83 21.93 15.56
N GLN B 62 -19.79 22.57 16.25
CA GLN B 62 -20.32 23.92 15.91
C GLN B 62 -19.19 24.93 15.84
N GLY B 63 -19.33 25.94 14.98
CA GLY B 63 -18.26 26.90 14.65
C GLY B 63 -17.16 26.26 13.83
N GLY B 64 -17.49 25.19 13.09
CA GLY B 64 -16.73 24.75 11.92
C GLY B 64 -17.36 25.29 10.64
N VAL B 65 -16.55 25.89 9.78
CA VAL B 65 -16.93 26.17 8.36
C VAL B 65 -17.46 24.85 7.78
N GLY B 66 -18.64 24.89 7.15
CA GLY B 66 -19.23 23.73 6.45
C GLY B 66 -19.74 22.67 7.42
N ILE B 67 -20.05 23.07 8.65
CA ILE B 67 -20.89 22.30 9.62
C ILE B 67 -22.24 23.01 9.75
N PRO B 68 -23.38 22.38 9.37
CA PRO B 68 -24.66 23.06 9.45
C PRO B 68 -24.87 23.50 10.89
N THR B 69 -25.45 24.69 11.11
CA THR B 69 -25.82 25.20 12.44
C THR B 69 -26.96 24.32 12.96
N ILE B 70 -26.93 23.99 14.25
CA ILE B 70 -28.09 23.43 15.00
C ILE B 70 -28.83 24.60 15.65
N ARG B 71 -30.13 24.74 15.34
CA ARG B 71 -30.99 25.87 15.77
C ARG B 71 -31.75 25.47 17.03
N TRP B 72 -32.22 24.22 17.10
CA TRP B 72 -32.96 23.71 18.27
C TRP B 72 -32.88 22.18 18.32
N CYS B 73 -32.79 21.66 19.53
CA CYS B 73 -32.99 20.24 19.88
C CYS B 73 -34.00 20.15 21.00
N GLY B 74 -34.90 19.18 20.91
CA GLY B 74 -35.88 18.87 21.96
C GLY B 74 -36.81 17.77 21.50
N ALA B 75 -38.02 17.74 22.04
CA ALA B 75 -39.06 16.78 21.65
C ALA B 75 -40.36 17.52 21.37
N GLU B 76 -41.07 17.05 20.36
CA GLU B 76 -42.50 17.36 20.10
C GLU B 76 -43.26 16.02 20.10
N GLY B 77 -44.19 15.81 21.05
CA GLY B 77 -45.07 14.62 21.09
C GLY B 77 -44.28 13.32 20.97
N ASP B 78 -44.47 12.57 19.88
CA ASP B 78 -43.92 11.20 19.67
C ASP B 78 -42.58 11.28 18.91
N TYR B 79 -42.03 12.48 18.70
CA TYR B 79 -40.81 12.69 17.90
C TYR B 79 -39.71 13.34 18.75
N ASN B 80 -38.46 12.87 18.58
CA ASN B 80 -37.23 13.66 18.81
C ASN B 80 -37.02 14.60 17.62
N VAL B 81 -36.54 15.82 17.88
CA VAL B 81 -36.51 16.93 16.87
C VAL B 81 -35.12 17.54 16.85
N MET B 82 -34.54 17.69 15.66
CA MET B 82 -33.34 18.53 15.43
C MET B 82 -33.63 19.52 14.32
N VAL B 83 -33.60 20.82 14.63
CA VAL B 83 -33.76 21.90 13.64
C VAL B 83 -32.36 22.35 13.25
N MET B 84 -32.07 22.36 11.96
CA MET B 84 -30.77 22.82 11.43
C MET B 84 -30.95 23.76 10.23
N GLU B 85 -29.89 24.49 9.93
CA GLU B 85 -29.68 25.25 8.68
C GLU B 85 -30.09 24.40 7.48
N LEU B 86 -30.77 25.01 6.54
CA LEU B 86 -31.17 24.37 5.26
C LEU B 86 -30.00 24.53 4.29
N LEU B 87 -29.66 23.45 3.60
CA LEU B 87 -28.53 23.39 2.65
C LEU B 87 -29.07 23.01 1.27
N GLY B 88 -28.26 23.24 0.24
CA GLY B 88 -28.62 23.02 -1.16
C GLY B 88 -28.47 21.57 -1.53
N PRO B 89 -28.29 21.27 -2.82
CA PRO B 89 -28.19 19.90 -3.32
C PRO B 89 -26.88 19.18 -2.91
N SER B 90 -26.88 17.84 -2.96
CA SER B 90 -25.68 17.00 -2.72
C SER B 90 -24.76 17.11 -3.93
N LEU B 91 -23.50 16.68 -3.77
CA LEU B 91 -22.50 16.57 -4.87
C LEU B 91 -22.90 15.44 -5.85
N GLU B 92 -23.60 14.41 -5.38
CA GLU B 92 -24.20 13.36 -6.26
C GLU B 92 -25.27 14.01 -7.19
N ASP B 93 -26.19 14.82 -6.63
CA ASP B 93 -27.25 15.53 -7.40
C ASP B 93 -26.57 16.47 -8.42
N LEU B 94 -25.52 17.17 -8.00
CA LEU B 94 -24.83 18.16 -8.85
C LEU B 94 -24.07 17.43 -9.95
N PHE B 95 -23.46 16.29 -9.62
CA PHE B 95 -22.79 15.40 -10.59
C PHE B 95 -23.79 15.01 -11.69
N ASN B 96 -24.97 14.51 -11.29
CA ASN B 96 -26.08 14.11 -12.22
C ASN B 96 -26.45 15.31 -13.11
N PHE B 97 -26.56 16.50 -12.50
CA PHE B 97 -26.96 17.77 -13.18
C PHE B 97 -25.89 18.16 -14.21
N CYS B 98 -24.62 17.83 -13.96
CA CYS B 98 -23.46 18.14 -14.84
C CYS B 98 -23.18 16.93 -15.76
N SER B 99 -24.17 16.07 -15.95
CA SER B 99 -24.15 14.92 -16.90
C SER B 99 -23.15 13.86 -16.42
N ARG B 100 -22.92 13.75 -15.11
CA ARG B 100 -21.96 12.78 -14.52
C ARG B 100 -20.57 12.97 -15.15
N LYS B 101 -20.17 14.23 -15.38
CA LYS B 101 -18.78 14.64 -15.72
C LYS B 101 -18.48 15.95 -15.00
N PHE B 102 -17.43 15.98 -14.18
CA PHE B 102 -16.88 17.24 -13.59
C PHE B 102 -15.59 17.60 -14.34
N SER B 103 -15.35 18.90 -14.54
CA SER B 103 -14.05 19.44 -15.00
C SER B 103 -13.01 19.20 -13.91
N LEU B 104 -11.73 19.09 -14.28
CA LEU B 104 -10.61 19.00 -13.30
C LEU B 104 -10.71 20.18 -12.32
N LYS B 105 -11.06 21.36 -12.83
CA LYS B 105 -11.17 22.60 -12.00
C LYS B 105 -12.18 22.40 -10.87
N THR B 106 -13.37 21.88 -11.17
CA THR B 106 -14.45 21.64 -10.16
C THR B 106 -13.96 20.58 -9.16
N VAL B 107 -13.33 19.51 -9.65
CA VAL B 107 -12.83 18.40 -8.79
C VAL B 107 -11.78 18.95 -7.82
N LEU B 108 -10.90 19.86 -8.28
CA LEU B 108 -9.82 20.43 -7.42
C LEU B 108 -10.42 21.43 -6.43
N LEU B 109 -11.39 22.24 -6.87
CA LEU B 109 -12.14 23.17 -6.01
C LEU B 109 -12.80 22.38 -4.87
N LEU B 110 -13.48 21.29 -5.18
CA LEU B 110 -14.13 20.41 -4.17
C LEU B 110 -13.08 19.75 -3.27
N ALA B 111 -12.00 19.20 -3.85
CA ALA B 111 -10.93 18.47 -3.11
C ALA B 111 -10.48 19.31 -1.92
N ASP B 112 -10.10 20.55 -2.17
CA ASP B 112 -9.55 21.48 -1.14
C ASP B 112 -10.49 21.52 0.05
N GLN B 113 -11.79 21.73 -0.20
CA GLN B 113 -12.79 21.97 0.86
C GLN B 113 -13.07 20.65 1.58
N MET B 114 -13.19 19.56 0.83
CA MET B 114 -13.59 18.25 1.40
C MET B 114 -12.48 17.70 2.34
N ILE B 115 -11.20 17.92 2.02
CA ILE B 115 -10.05 17.58 2.92
C ILE B 115 -10.17 18.40 4.21
N SER B 116 -10.47 19.69 4.08
CA SER B 116 -10.58 20.64 5.23
C SER B 116 -11.70 20.21 6.18
N ARG B 117 -12.88 19.83 5.66
CA ARG B 117 -14.05 19.42 6.51
C ARG B 117 -13.63 18.20 7.34
N ILE B 118 -13.13 17.16 6.67
CA ILE B 118 -12.60 15.92 7.33
C ILE B 118 -11.59 16.33 8.39
N GLU B 119 -10.60 17.14 8.01
CA GLU B 119 -9.57 17.66 8.96
C GLU B 119 -10.28 18.18 10.21
N TYR B 120 -11.31 19.02 10.00
CA TYR B 120 -11.94 19.79 11.09
C TYR B 120 -12.63 18.82 12.05
N ILE B 121 -13.30 17.81 11.50
CA ILE B 121 -13.96 16.72 12.26
C ILE B 121 -12.91 15.97 13.08
N HIS B 122 -11.75 15.68 12.49
CA HIS B 122 -10.62 14.97 13.16
C HIS B 122 -10.07 15.86 14.29
N SER B 123 -10.02 17.18 14.08
CA SER B 123 -9.50 18.15 15.08
C SER B 123 -10.38 18.13 16.33
N LYS B 124 -11.61 17.62 16.20
CA LYS B 124 -12.60 17.53 17.30
C LYS B 124 -12.74 16.08 17.77
N ASN B 125 -11.74 15.23 17.48
CA ASN B 125 -11.50 13.93 18.16
C ASN B 125 -12.46 12.84 17.62
N PHE B 126 -13.01 13.01 16.41
CA PHE B 126 -14.02 12.11 15.79
C PHE B 126 -13.55 11.72 14.40
N ILE B 127 -13.90 10.51 13.98
CA ILE B 127 -13.92 10.12 12.53
C ILE B 127 -15.37 9.97 12.09
N HIS B 128 -15.62 10.23 10.82
CA HIS B 128 -16.98 10.34 10.18
C HIS B 128 -17.49 8.94 9.79
N ARG B 129 -16.73 8.22 8.95
CA ARG B 129 -16.90 6.77 8.62
C ARG B 129 -17.99 6.58 7.56
N ASP B 130 -18.48 7.66 6.96
CA ASP B 130 -19.58 7.57 5.94
C ASP B 130 -19.32 8.59 4.83
N VAL B 131 -18.11 8.57 4.27
CA VAL B 131 -17.62 9.58 3.28
C VAL B 131 -18.11 9.17 1.88
N LYS B 132 -19.08 9.90 1.34
CA LYS B 132 -19.67 9.62 0.00
C LYS B 132 -20.29 10.91 -0.55
N PRO B 133 -20.44 11.01 -1.88
CA PRO B 133 -20.95 12.23 -2.51
C PRO B 133 -22.30 12.68 -1.92
N ASP B 134 -23.16 11.72 -1.57
CA ASP B 134 -24.50 11.99 -1.00
C ASP B 134 -24.38 12.80 0.30
N ASN B 135 -23.24 12.73 1.00
CA ASN B 135 -23.08 13.31 2.38
C ASN B 135 -22.32 14.64 2.33
N PHE B 136 -22.09 15.19 1.14
CA PHE B 136 -21.61 16.58 0.91
C PHE B 136 -22.69 17.39 0.18
N LEU B 137 -23.06 18.56 0.72
CA LEU B 137 -24.13 19.47 0.20
C LEU B 137 -23.53 20.88 0.06
N MET B 138 -23.74 21.54 -1.08
CA MET B 138 -23.43 22.98 -1.24
C MET B 138 -24.41 23.80 -0.40
N GLY B 139 -23.96 24.91 0.19
CA GLY B 139 -24.79 25.82 1.01
C GLY B 139 -25.68 26.65 0.12
N LEU B 140 -26.55 27.48 0.71
CA LEU B 140 -27.50 28.35 -0.05
C LEU B 140 -27.17 29.83 0.20
N GLY B 141 -27.57 30.70 -0.75
CA GLY B 141 -27.40 32.16 -0.70
C GLY B 141 -25.94 32.56 -0.71
N LYS B 142 -25.51 33.26 0.33
CA LYS B 142 -24.13 33.76 0.51
C LYS B 142 -23.20 32.59 0.82
N LYS B 143 -23.76 31.43 1.19
CA LYS B 143 -22.99 30.19 1.46
C LYS B 143 -22.99 29.27 0.25
N GLY B 144 -23.39 29.80 -0.92
CA GLY B 144 -23.55 29.04 -2.18
C GLY B 144 -22.25 28.45 -2.69
N ASN B 145 -21.10 28.91 -2.20
CA ASN B 145 -19.75 28.47 -2.63
C ASN B 145 -19.12 27.52 -1.59
N LEU B 146 -19.87 27.18 -0.53
CA LEU B 146 -19.35 26.43 0.64
C LEU B 146 -19.81 24.97 0.57
N VAL B 147 -18.86 24.01 0.57
CA VAL B 147 -19.14 22.56 0.70
C VAL B 147 -19.31 22.22 2.16
N TYR B 148 -20.47 21.68 2.52
CA TYR B 148 -20.81 21.20 3.88
C TYR B 148 -20.71 19.66 3.94
N ILE B 149 -20.37 19.14 5.12
CA ILE B 149 -20.50 17.70 5.44
C ILE B 149 -21.67 17.50 6.39
N ILE B 150 -22.43 16.44 6.19
CA ILE B 150 -23.64 16.07 7.00
C ILE B 150 -23.54 14.60 7.40
N ASP B 151 -24.49 14.16 8.24
CA ASP B 151 -24.75 12.76 8.63
C ASP B 151 -23.62 12.27 9.52
N PHE B 152 -23.72 12.52 10.83
CA PHE B 152 -22.81 12.02 11.88
C PHE B 152 -23.46 10.81 12.57
N GLY B 153 -24.29 10.09 11.82
CA GLY B 153 -24.96 8.85 12.26
C GLY B 153 -23.96 7.80 12.71
N LEU B 154 -22.79 7.73 12.06
CA LEU B 154 -21.80 6.62 12.21
C LEU B 154 -20.47 7.13 12.81
N ALA B 155 -20.41 8.40 13.22
CA ALA B 155 -19.17 9.07 13.70
C ALA B 155 -18.82 8.52 15.09
N LYS B 156 -17.52 8.48 15.42
CA LYS B 156 -17.04 7.93 16.74
C LYS B 156 -15.68 8.53 17.15
N LYS B 157 -15.46 8.64 18.46
CA LYS B 157 -14.20 9.13 19.08
C LYS B 157 -13.06 8.16 18.72
N TYR B 158 -11.96 8.69 18.17
CA TYR B 158 -10.73 7.92 17.85
C TYR B 158 -9.61 8.25 18.85
N ARG B 159 -9.75 9.33 19.64
CA ARG B 159 -8.72 9.74 20.64
C ARG B 159 -9.38 10.42 21.84
N ASP B 160 -8.74 10.35 23.01
CA ASP B 160 -9.23 10.96 24.27
C ASP B 160 -9.29 12.48 24.08
N ALA B 161 -10.34 13.12 24.60
CA ALA B 161 -10.53 14.60 24.65
C ALA B 161 -9.35 15.28 25.37
N ARG B 162 -8.91 14.73 26.50
CA ARG B 162 -7.89 15.34 27.41
C ARG B 162 -6.48 14.99 26.92
N THR B 163 -6.21 13.70 26.70
CA THR B 163 -4.84 13.13 26.56
C THR B 163 -4.42 13.12 25.09
N HIS B 164 -5.40 12.97 24.16
CA HIS B 164 -5.19 12.71 22.71
C HIS B 164 -4.62 11.29 22.49
N GLN B 165 -4.72 10.40 23.48
CA GLN B 165 -4.35 8.96 23.35
C GLN B 165 -5.28 8.28 22.36
N HIS B 166 -4.74 7.82 21.23
CA HIS B 166 -5.46 7.09 20.15
C HIS B 166 -6.18 5.88 20.74
N ILE B 167 -7.30 5.47 20.13
CA ILE B 167 -7.99 4.18 20.43
C ILE B 167 -7.04 3.05 20.06
N PRO B 168 -7.16 1.87 20.72
CA PRO B 168 -6.34 0.71 20.38
C PRO B 168 -6.65 0.15 18.98
N TYR B 169 -5.63 -0.49 18.37
CA TYR B 169 -5.74 -1.30 17.12
C TYR B 169 -6.65 -2.49 17.39
N ARG B 170 -7.72 -2.64 16.60
CA ARG B 170 -8.63 -3.82 16.66
C ARG B 170 -8.89 -4.35 15.25
N GLU B 171 -9.21 -5.65 15.17
CA GLU B 171 -9.54 -6.39 13.91
C GLU B 171 -10.93 -7.01 14.07
N ASN B 172 -11.41 -7.70 13.02
CA ASN B 172 -12.67 -8.50 13.00
C ASN B 172 -13.87 -7.61 13.35
N LYS B 173 -13.86 -6.35 12.91
CA LYS B 173 -15.01 -5.41 12.99
C LYS B 173 -15.93 -5.70 11.81
N ASN B 174 -17.08 -5.03 11.75
CA ASN B 174 -18.24 -5.38 10.87
C ASN B 174 -18.45 -4.31 9.80
N LEU B 175 -19.44 -4.51 8.94
CA LEU B 175 -19.84 -3.59 7.84
C LEU B 175 -20.41 -2.27 8.41
N THR B 176 -19.67 -1.17 8.27
CA THR B 176 -19.92 0.13 8.95
C THR B 176 -20.10 1.26 7.92
N GLY B 177 -20.96 1.04 6.91
CA GLY B 177 -21.47 2.11 6.02
C GLY B 177 -21.56 1.68 4.57
N THR B 178 -21.03 2.51 3.67
CA THR B 178 -21.18 2.37 2.19
C THR B 178 -19.92 1.72 1.60
N ALA B 179 -20.06 0.54 0.94
CA ALA B 179 -18.93 -0.34 0.55
C ALA B 179 -18.19 0.22 -0.68
N ARG B 180 -18.87 0.98 -1.54
CA ARG B 180 -18.23 1.48 -2.79
C ARG B 180 -16.96 2.29 -2.46
N TYR B 181 -16.94 3.00 -1.32
CA TYR B 181 -15.92 4.03 -0.98
C TYR B 181 -15.11 3.61 0.26
N ALA B 182 -15.43 2.46 0.85
CA ALA B 182 -14.78 1.97 2.09
C ALA B 182 -13.28 1.73 1.83
N SER B 183 -12.42 2.04 2.79
CA SER B 183 -10.95 1.80 2.72
C SER B 183 -10.71 0.30 2.61
N ILE B 184 -9.59 -0.08 2.02
CA ILE B 184 -9.13 -1.48 1.97
C ILE B 184 -9.03 -2.02 3.40
N ASN B 185 -8.59 -1.19 4.36
CA ASN B 185 -8.50 -1.56 5.80
C ASN B 185 -9.88 -2.01 6.31
N THR B 186 -10.92 -1.22 6.03
CA THR B 186 -12.30 -1.45 6.50
C THR B 186 -12.75 -2.84 6.03
N HIS B 187 -12.43 -3.16 4.77
CA HIS B 187 -12.78 -4.45 4.13
C HIS B 187 -12.18 -5.62 4.93
N LEU B 188 -10.96 -5.48 5.45
CA LEU B 188 -10.26 -6.57 6.22
C LEU B 188 -10.73 -6.57 7.68
N GLY B 189 -11.74 -5.76 8.01
CA GLY B 189 -12.39 -5.77 9.34
C GLY B 189 -11.53 -5.06 10.37
N ILE B 190 -10.60 -4.22 9.92
CA ILE B 190 -9.75 -3.37 10.82
C ILE B 190 -10.53 -2.10 11.21
N GLU B 191 -10.57 -1.82 12.52
CA GLU B 191 -11.09 -0.57 13.16
C GLU B 191 -10.67 0.63 12.32
N GLN B 192 -11.59 1.58 12.12
CA GLN B 192 -11.34 2.79 11.30
C GLN B 192 -10.62 3.85 12.14
N SER B 193 -9.72 4.59 11.51
CA SER B 193 -9.02 5.78 12.06
C SER B 193 -9.00 6.90 11.01
N ARG B 194 -8.17 7.91 11.19
CA ARG B 194 -8.16 9.15 10.36
C ARG B 194 -7.82 8.81 8.90
N ARG B 195 -6.94 7.87 8.67
CA ARG B 195 -6.44 7.47 7.31
C ARG B 195 -7.59 6.90 6.45
N ASP B 196 -8.57 6.26 7.07
CA ASP B 196 -9.70 5.59 6.35
C ASP B 196 -10.65 6.66 5.76
N ASP B 197 -10.99 7.71 6.53
CA ASP B 197 -11.81 8.86 6.04
C ASP B 197 -11.15 9.42 4.76
N LEU B 198 -9.83 9.59 4.76
CA LEU B 198 -9.10 10.32 3.70
C LEU B 198 -8.98 9.41 2.47
N GLU B 199 -8.80 8.11 2.68
CA GLU B 199 -8.72 7.10 1.58
C GLU B 199 -10.07 7.08 0.89
N SER B 200 -11.15 7.01 1.66
CA SER B 200 -12.54 7.05 1.14
C SER B 200 -12.72 8.30 0.26
N LEU B 201 -12.19 9.45 0.69
CA LEU B 201 -12.30 10.72 -0.09
C LEU B 201 -11.58 10.55 -1.42
N GLY B 202 -10.43 9.85 -1.38
CA GLY B 202 -9.68 9.47 -2.58
C GLY B 202 -10.57 8.77 -3.60
N TYR B 203 -11.38 7.81 -3.17
CA TYR B 203 -12.20 6.98 -4.08
C TYR B 203 -13.35 7.86 -4.59
N VAL B 204 -13.84 8.77 -3.75
CA VAL B 204 -14.90 9.76 -4.13
C VAL B 204 -14.37 10.66 -5.25
N LEU B 205 -13.13 11.14 -5.12
CA LEU B 205 -12.48 12.02 -6.12
C LEU B 205 -12.31 11.27 -7.46
N MET B 206 -11.79 10.05 -7.43
CA MET B 206 -11.60 9.25 -8.67
C MET B 206 -12.97 8.84 -9.25
N TYR B 207 -13.99 8.64 -8.42
CA TYR B 207 -15.41 8.44 -8.84
C TYR B 207 -15.87 9.61 -9.73
N PHE B 208 -15.63 10.87 -9.28
CA PHE B 208 -16.01 12.09 -10.03
C PHE B 208 -15.26 12.16 -11.38
N ASN B 209 -13.97 11.78 -11.38
CA ASN B 209 -13.11 11.79 -12.61
C ASN B 209 -13.64 10.76 -13.63
N LEU B 210 -13.94 9.55 -13.18
CA LEU B 210 -14.23 8.38 -14.05
C LEU B 210 -15.72 8.36 -14.41
N GLY B 211 -16.59 8.63 -13.43
CA GLY B 211 -18.06 8.48 -13.55
C GLY B 211 -18.53 7.23 -12.85
N SER B 212 -17.58 6.39 -12.44
CA SER B 212 -17.80 5.09 -11.73
C SER B 212 -16.45 4.53 -11.32
N LEU B 213 -16.48 3.61 -10.36
CA LEU B 213 -15.30 2.85 -9.91
C LEU B 213 -15.41 1.42 -10.45
N PRO B 214 -14.27 0.75 -10.76
CA PRO B 214 -14.29 -0.52 -11.47
C PRO B 214 -14.84 -1.67 -10.60
N TRP B 215 -15.25 -1.38 -9.36
CA TRP B 215 -15.86 -2.36 -8.41
C TRP B 215 -17.33 -2.05 -8.19
N GLN B 216 -17.93 -1.23 -9.06
CA GLN B 216 -19.39 -1.02 -9.12
C GLN B 216 -19.98 -2.10 -10.03
N GLY B 217 -21.13 -2.67 -9.65
CA GLY B 217 -22.03 -3.47 -10.53
C GLY B 217 -21.59 -4.92 -10.65
N LEU B 218 -20.99 -5.46 -9.58
CA LEU B 218 -20.48 -6.85 -9.53
C LEU B 218 -21.59 -7.77 -8.99
N LYS B 219 -22.06 -8.71 -9.83
CA LYS B 219 -23.04 -9.77 -9.46
C LYS B 219 -22.45 -10.70 -8.39
N ALA B 220 -23.26 -11.05 -7.39
CA ALA B 220 -22.89 -11.90 -6.22
C ALA B 220 -24.16 -12.40 -5.51
N ALA B 221 -24.15 -13.67 -5.07
CA ALA B 221 -25.30 -14.40 -4.50
C ALA B 221 -25.88 -13.66 -3.27
N THR B 222 -25.03 -13.12 -2.40
CA THR B 222 -25.41 -12.60 -1.06
C THR B 222 -24.85 -11.17 -0.89
N LYS B 223 -25.30 -10.45 0.15
CA LYS B 223 -24.74 -9.14 0.60
C LYS B 223 -23.28 -9.31 1.05
N ARG B 224 -23.03 -10.37 1.81
CA ARG B 224 -21.68 -10.72 2.34
C ARG B 224 -20.74 -11.01 1.16
N GLN B 225 -21.23 -11.60 0.06
CA GLN B 225 -20.39 -11.96 -1.11
C GLN B 225 -20.12 -10.72 -1.95
N LYS B 226 -21.08 -9.79 -2.01
CA LYS B 226 -20.92 -8.48 -2.69
C LYS B 226 -19.70 -7.77 -2.11
N TYR B 227 -19.66 -7.62 -0.78
CA TYR B 227 -18.53 -7.07 0.01
C TYR B 227 -17.22 -7.75 -0.39
N GLU B 228 -17.18 -9.09 -0.44
CA GLU B 228 -15.95 -9.88 -0.73
C GLU B 228 -15.47 -9.56 -2.15
N ARG B 229 -16.39 -9.52 -3.14
CA ARG B 229 -16.00 -9.24 -4.56
C ARG B 229 -15.49 -7.80 -4.67
N ILE B 230 -16.17 -6.83 -4.00
CA ILE B 230 -15.75 -5.40 -3.97
C ILE B 230 -14.39 -5.28 -3.30
N SER B 231 -14.23 -5.86 -2.10
CA SER B 231 -12.94 -6.01 -1.40
C SER B 231 -11.89 -6.61 -2.34
N GLU B 232 -12.23 -7.71 -3.03
CA GLU B 232 -11.26 -8.49 -3.85
C GLU B 232 -10.89 -7.64 -5.06
N LYS B 233 -11.86 -6.98 -5.69
CA LYS B 233 -11.60 -6.12 -6.86
C LYS B 233 -10.70 -4.95 -6.46
N LYS B 234 -10.94 -4.35 -5.29
CA LYS B 234 -10.18 -3.18 -4.77
C LYS B 234 -8.73 -3.58 -4.53
N MET B 235 -8.50 -4.67 -3.80
CA MET B 235 -7.16 -5.19 -3.42
C MET B 235 -6.36 -5.61 -4.66
N SER B 236 -7.03 -5.97 -5.75
CA SER B 236 -6.42 -6.47 -6.99
C SER B 236 -6.24 -5.36 -8.01
N THR B 237 -6.74 -4.14 -7.71
CA THR B 237 -6.65 -2.98 -8.64
C THR B 237 -5.57 -2.05 -8.13
N PRO B 238 -4.39 -2.00 -8.78
CA PRO B 238 -3.32 -1.08 -8.39
C PRO B 238 -3.79 0.37 -8.55
N ILE B 239 -3.40 1.22 -7.60
CA ILE B 239 -3.54 2.71 -7.67
C ILE B 239 -3.15 3.22 -9.07
N GLU B 240 -2.21 2.56 -9.74
CA GLU B 240 -1.63 3.04 -11.02
C GLU B 240 -2.57 2.72 -12.17
N VAL B 241 -3.41 1.70 -12.02
CA VAL B 241 -4.40 1.27 -13.02
C VAL B 241 -5.65 2.12 -12.81
N LEU B 242 -6.12 2.22 -11.55
CA LEU B 242 -7.27 3.08 -11.17
C LEU B 242 -7.12 4.47 -11.81
N CYS B 243 -5.97 5.11 -11.61
CA CYS B 243 -5.79 6.57 -11.85
C CYS B 243 -5.19 6.81 -13.22
N LYS B 244 -4.92 5.75 -13.97
CA LYS B 244 -4.36 5.82 -15.36
C LYS B 244 -5.10 6.90 -16.18
N GLY B 245 -4.35 7.73 -16.90
CA GLY B 245 -4.87 8.80 -17.76
C GLY B 245 -5.27 10.04 -16.97
N TYR B 246 -5.03 10.10 -15.66
CA TYR B 246 -5.40 11.25 -14.79
C TYR B 246 -4.16 11.84 -14.12
N PRO B 247 -4.20 13.13 -13.73
CA PRO B 247 -3.05 13.78 -13.12
C PRO B 247 -2.49 12.96 -11.96
N SER B 248 -1.16 12.86 -11.88
CA SER B 248 -0.41 11.95 -10.98
C SER B 248 -0.86 12.19 -9.53
N GLU B 249 -1.31 13.40 -9.24
CA GLU B 249 -1.62 13.88 -7.87
C GLU B 249 -2.71 12.99 -7.24
N PHE B 250 -3.60 12.41 -8.05
CA PHE B 250 -4.68 11.51 -7.57
C PHE B 250 -4.08 10.16 -7.14
N ALA B 251 -3.10 9.64 -7.88
CA ALA B 251 -2.24 8.50 -7.45
C ALA B 251 -1.53 8.86 -6.14
N THR B 252 -0.73 9.93 -6.14
CA THR B 252 0.11 10.32 -4.98
C THR B 252 -0.78 10.43 -3.74
N TYR B 253 -2.02 10.95 -3.90
CA TYR B 253 -2.97 11.18 -2.79
C TYR B 253 -3.34 9.84 -2.15
N LEU B 254 -3.89 8.92 -2.94
CA LEU B 254 -4.33 7.57 -2.48
C LEU B 254 -3.12 6.82 -1.85
N ASN B 255 -1.93 6.92 -2.47
CA ASN B 255 -0.67 6.32 -1.97
C ASN B 255 -0.36 6.85 -0.57
N PHE B 256 -0.41 8.16 -0.37
CA PHE B 256 -0.08 8.76 0.94
C PHE B 256 -1.01 8.18 1.99
N CYS B 257 -2.30 8.13 1.69
CA CYS B 257 -3.36 7.70 2.62
C CYS B 257 -3.18 6.23 3.00
N ARG B 258 -2.78 5.37 2.05
CA ARG B 258 -2.64 3.90 2.25
C ARG B 258 -1.37 3.64 3.09
N SER B 259 -0.39 4.56 3.04
CA SER B 259 0.92 4.42 3.72
C SER B 259 0.80 4.78 5.20
N LEU B 260 -0.26 5.51 5.59
CA LEU B 260 -0.40 6.07 6.96
C LEU B 260 -0.52 4.91 7.92
N ARG B 261 0.09 5.01 9.09
CA ARG B 261 -0.08 4.05 10.19
C ARG B 261 -1.47 4.24 10.80
N PHE B 262 -2.02 3.19 11.40
CA PHE B 262 -3.30 3.20 12.16
C PHE B 262 -3.41 4.52 12.93
N ASP B 263 -2.39 4.87 13.71
CA ASP B 263 -2.47 5.96 14.72
C ASP B 263 -1.63 7.17 14.33
N ASP B 264 -1.29 7.28 13.03
CA ASP B 264 -0.62 8.47 12.44
C ASP B 264 -1.63 9.62 12.22
N LYS B 265 -1.22 10.84 12.57
CA LYS B 265 -1.84 12.11 12.14
C LYS B 265 -1.49 12.36 10.67
N PRO B 266 -2.48 12.51 9.79
CA PRO B 266 -2.22 12.79 8.38
C PRO B 266 -1.57 14.16 8.23
N ASP B 267 -0.86 14.41 7.11
CA ASP B 267 -0.43 15.77 6.70
C ASP B 267 -1.49 16.37 5.77
N TYR B 268 -2.53 16.95 6.35
CA TYR B 268 -3.72 17.49 5.64
C TYR B 268 -3.28 18.58 4.69
N SER B 269 -2.31 19.39 5.13
CA SER B 269 -1.69 20.51 4.37
C SER B 269 -0.99 20.00 3.10
N TYR B 270 -0.16 18.97 3.21
CA TYR B 270 0.55 18.38 2.04
C TYR B 270 -0.47 17.91 1.00
N LEU B 271 -1.51 17.21 1.42
CA LEU B 271 -2.55 16.66 0.51
C LEU B 271 -3.25 17.82 -0.20
N ARG B 272 -3.64 18.85 0.55
CA ARG B 272 -4.18 20.11 -0.01
C ARG B 272 -3.16 20.69 -1.00
N GLN B 273 -1.87 20.68 -0.65
CA GLN B 273 -0.79 21.34 -1.43
C GLN B 273 -0.72 20.66 -2.81
N LEU B 274 -0.83 19.33 -2.84
CA LEU B 274 -0.81 18.51 -4.08
C LEU B 274 -1.79 19.10 -5.10
N PHE B 275 -3.04 19.24 -4.73
CA PHE B 275 -4.14 19.66 -5.63
C PHE B 275 -3.96 21.14 -6.00
N ARG B 276 -3.49 21.97 -5.06
CA ARG B 276 -3.18 23.41 -5.26
C ARG B 276 -2.12 23.58 -6.36
N ASN B 277 -1.03 22.82 -6.32
CA ASN B 277 0.10 22.98 -7.28
C ASN B 277 -0.41 22.60 -8.67
N LEU B 278 -1.11 21.47 -8.77
CA LEU B 278 -1.77 21.01 -10.02
C LEU B 278 -2.73 22.11 -10.54
N PHE B 279 -3.45 22.73 -9.62
CA PHE B 279 -4.43 23.81 -9.91
C PHE B 279 -3.71 24.97 -10.60
N HIS B 280 -2.58 25.41 -10.03
CA HIS B 280 -1.73 26.54 -10.49
C HIS B 280 -1.18 26.20 -11.87
N ARG B 281 -0.65 24.98 -12.02
CA ARG B 281 0.14 24.55 -13.21
C ARG B 281 -0.81 24.44 -14.40
N GLN B 282 -2.05 24.05 -14.15
CA GLN B 282 -3.13 23.99 -15.19
C GLN B 282 -3.47 25.41 -15.66
N GLY B 283 -3.32 26.40 -14.79
CA GLY B 283 -3.57 27.83 -15.11
C GLY B 283 -5.04 28.19 -14.95
N PHE B 284 -5.71 27.59 -13.97
CA PHE B 284 -7.10 27.89 -13.57
C PHE B 284 -7.09 29.17 -12.75
N SER B 285 -8.19 29.91 -12.77
CA SER B 285 -8.36 31.18 -12.05
C SER B 285 -9.31 30.98 -10.86
N TYR B 286 -9.09 31.73 -9.79
CA TYR B 286 -9.73 31.55 -8.46
C TYR B 286 -11.00 32.41 -8.45
N ASP B 287 -11.95 32.09 -9.34
CA ASP B 287 -13.27 32.79 -9.42
C ASP B 287 -14.34 31.93 -8.73
N TYR B 288 -14.00 30.69 -8.35
CA TYR B 288 -14.89 29.68 -7.70
C TYR B 288 -16.17 29.50 -8.50
N VAL B 289 -16.05 29.47 -9.82
CA VAL B 289 -17.10 28.99 -10.78
C VAL B 289 -17.00 27.47 -10.95
N PHE B 290 -17.90 26.73 -10.28
CA PHE B 290 -18.19 25.28 -10.48
C PHE B 290 -18.98 25.03 -11.77
N ASP B 291 -18.97 23.78 -12.23
CA ASP B 291 -19.58 23.34 -13.51
C ASP B 291 -21.04 23.76 -13.55
N TRP B 292 -21.73 23.60 -12.42
CA TRP B 292 -23.20 23.74 -12.30
C TRP B 292 -23.63 25.21 -12.32
N ASN B 293 -22.67 26.15 -12.18
CA ASN B 293 -22.92 27.62 -12.30
C ASN B 293 -23.16 27.99 -13.77
N MET B 294 -22.81 27.10 -14.70
CA MET B 294 -22.94 27.33 -16.17
C MET B 294 -24.30 26.82 -16.66
N LEU B 295 -25.08 26.14 -15.80
CA LEU B 295 -26.44 25.62 -16.16
C LEU B 295 -27.37 26.79 -16.51
N LYS B 296 -27.84 26.83 -17.77
CA LYS B 296 -28.77 27.85 -18.27
C LYS B 296 -30.19 27.27 -18.23
#